data_8PSI
#
_entry.id   8PSI
#
_entity_poly.entity_id   1
_entity_poly.type   'polydeoxyribonucleotide'
_entity_poly.pdbx_seq_one_letter_code
;(DG)(DG)(DG)(DT)(DA)(DG)(DG)(DG)(DC)(DG)(DG)(DC)(DG)(DG)(DG)(DG)(DC)(DA)(DG)(DG)
(DG)(DT)
;
_entity_poly.pdbx_strand_id   A
#
loop_
_chem_comp.id
_chem_comp.type
_chem_comp.name
_chem_comp.formula
DA DNA linking 2'-DEOXYADENOSINE-5'-MONOPHOSPHATE 'C10 H14 N5 O6 P'
DC DNA linking 2'-DEOXYCYTIDINE-5'-MONOPHOSPHATE 'C9 H14 N3 O7 P'
DG DNA linking 2'-DEOXYGUANOSINE-5'-MONOPHOSPHATE 'C10 H14 N5 O7 P'
DT DNA linking THYMIDINE-5'-MONOPHOSPHATE 'C10 H15 N2 O8 P'
#